data_1B4H
#
_entry.id   1B4H
#
_cell.length_a   109.722
_cell.length_b   75.953
_cell.length_c   70.424
_cell.angle_alpha   90.00
_cell.angle_beta   90.00
_cell.angle_gamma   90.00
#
_symmetry.space_group_name_H-M   'P 21 21 21'
#
loop_
_entity.id
_entity.type
_entity.pdbx_description
1 polymer 'PERIPLASMIC OLIGO-PEPTIDE BINDING PROTEIN'
2 polymer 'LYS-DAB-LYS PEPTIDE'
3 non-polymer 'URANIUM ATOM'
4 water water
#
loop_
_entity_poly.entity_id
_entity_poly.type
_entity_poly.pdbx_seq_one_letter_code
_entity_poly.pdbx_strand_id
1 'polypeptide(L)'
;ADVPAGVQLADKQTLVRNNGSEVQSLDPHKIEGVPESNVSRDLFEGLLISDVEGHPSPGVAEKWENKDFKVWTFHLRENA
KWSDGTPVTAHDFVYSWQRLADPNTASPYASYLQYGHIANIDDIIAGKKPATDLGVKALDDHTFEVTLSEPVPYFYKLLV
HPSVSPVPKSAVEKFGDKWTQPANIVTNGAYKLKNWVVNERIVLERNPQYWDNAKTVINQVTYLPISSEVTDVNRYRSGE
IDMTYNNMPIELFQKLKKEIPNEVRVDPYLCTYYYEINNQKAPFNDVRVRTALKLALDRDIIVNKVKNQGDLPAYSYTPP
YTDGAKLVEPEWFKWSQQKRNEEAKKLLAEAGFTADKPLTFDLLYNTSDLHKKLAIAVASIWKKNLGVNVNLENQEWKTF
LDTRHQGTFDVARAGWCADYNEPTSFLNTMLSDSSNNTAHYKSPAFDKLIADTLKVADDTQRSELYAKAEQQLDKDSAIV
PVYYYVNARLVKPWVGGYTGKDPLDNIYVKNLYIIKH
;
A
2 'polypeptide(L)' K(DAB)K B
#
loop_
_chem_comp.id
_chem_comp.type
_chem_comp.name
_chem_comp.formula
U1 non-polymer 'URANIUM ATOM' U
#
# COMPACT_ATOMS: atom_id res chain seq x y z
N ALA A 1 -17.75 14.80 -6.67
CA ALA A 1 -17.30 15.76 -5.65
C ALA A 1 -18.53 16.50 -5.08
N ASP A 2 -18.43 17.01 -3.87
CA ASP A 2 -19.56 17.79 -3.32
C ASP A 2 -19.09 19.22 -3.09
N VAL A 3 -19.29 20.13 -4.04
CA VAL A 3 -18.78 21.50 -3.89
C VAL A 3 -19.66 22.34 -2.96
N PRO A 4 -19.11 22.82 -1.85
CA PRO A 4 -19.84 23.62 -0.88
C PRO A 4 -20.50 24.85 -1.47
N ALA A 5 -21.69 25.19 -0.97
CA ALA A 5 -22.47 26.35 -1.39
C ALA A 5 -21.58 27.58 -1.35
N GLY A 6 -21.64 28.47 -2.34
CA GLY A 6 -20.78 29.64 -2.27
C GLY A 6 -19.34 29.49 -2.75
N VAL A 7 -18.79 28.30 -2.98
CA VAL A 7 -17.41 28.30 -3.49
C VAL A 7 -17.54 28.64 -4.98
N GLN A 8 -16.61 29.39 -5.50
CA GLN A 8 -16.63 29.73 -6.92
C GLN A 8 -15.64 28.78 -7.62
N LEU A 9 -16.10 28.03 -8.59
CA LEU A 9 -15.17 27.12 -9.26
C LEU A 9 -14.35 27.82 -10.35
N ALA A 10 -13.13 27.32 -10.55
CA ALA A 10 -12.29 27.81 -11.63
C ALA A 10 -12.96 27.37 -12.95
N ASP A 11 -12.74 28.20 -13.96
CA ASP A 11 -13.24 27.89 -15.30
C ASP A 11 -12.63 26.54 -15.75
N LYS A 12 -11.34 26.42 -15.56
CA LYS A 12 -10.58 25.26 -15.97
C LYS A 12 -10.42 24.27 -14.82
N GLN A 13 -11.02 23.09 -15.02
CA GLN A 13 -10.95 22.08 -13.94
C GLN A 13 -9.94 20.99 -14.26
N THR A 14 -8.65 21.30 -14.14
CA THR A 14 -7.58 20.32 -14.39
C THR A 14 -6.67 20.27 -13.17
N LEU A 15 -6.05 19.12 -12.99
CA LEU A 15 -5.24 18.86 -11.80
C LEU A 15 -3.98 18.18 -12.21
N VAL A 16 -2.90 18.51 -11.54
CA VAL A 16 -1.60 17.84 -11.81
C VAL A 16 -1.19 17.29 -10.45
N ARG A 17 -0.99 15.99 -10.36
CA ARG A 17 -0.51 15.36 -9.12
C ARG A 17 0.81 14.69 -9.29
N ASN A 18 1.74 14.75 -8.33
CA ASN A 18 2.97 13.99 -8.49
C ASN A 18 2.64 12.59 -7.95
N ASN A 19 3.23 11.54 -8.48
CA ASN A 19 2.82 10.18 -8.09
C ASN A 19 4.01 9.32 -7.69
N GLY A 20 5.13 9.96 -7.40
CA GLY A 20 6.29 9.31 -6.82
C GLY A 20 7.19 8.53 -7.74
N SER A 21 6.68 7.80 -8.71
CA SER A 21 7.47 6.99 -9.61
C SER A 21 6.62 6.56 -10.79
N GLU A 22 7.28 5.91 -11.75
CA GLU A 22 6.58 5.36 -12.89
C GLU A 22 5.83 4.13 -12.35
N VAL A 23 4.56 3.96 -12.70
CA VAL A 23 3.84 2.81 -12.16
C VAL A 23 4.36 1.48 -12.67
N GLN A 24 4.14 0.43 -11.90
CA GLN A 24 4.48 -0.91 -12.37
C GLN A 24 3.64 -1.27 -13.60
N SER A 25 2.34 -0.90 -13.54
CA SER A 25 1.37 -1.30 -14.54
C SER A 25 0.08 -0.53 -14.29
N LEU A 26 -0.85 -0.58 -15.25
CA LEU A 26 -2.18 -0.06 -15.03
C LEU A 26 -3.17 -1.22 -14.88
N ASP A 27 -2.63 -2.45 -14.96
CA ASP A 27 -3.50 -3.64 -14.83
C ASP A 27 -3.68 -3.91 -13.35
N PRO A 28 -4.93 -3.87 -12.84
CA PRO A 28 -5.21 -4.02 -11.44
C PRO A 28 -4.69 -5.29 -10.81
N HIS A 29 -4.50 -6.36 -11.64
CA HIS A 29 -3.93 -7.60 -11.16
C HIS A 29 -2.41 -7.66 -11.21
N LYS A 30 -1.72 -6.63 -11.73
CA LYS A 30 -0.24 -6.72 -11.76
C LYS A 30 0.40 -5.67 -10.86
N ILE A 31 -0.36 -5.04 -9.94
CA ILE A 31 0.18 -3.90 -9.18
C ILE A 31 0.18 -4.13 -7.68
N GLU A 32 1.07 -3.43 -6.94
CA GLU A 32 1.02 -3.62 -5.49
C GLU A 32 1.32 -2.35 -4.72
N GLY A 33 1.66 -1.24 -5.39
CA GLY A 33 2.13 -0.06 -4.61
C GLY A 33 1.15 1.11 -4.64
N VAL A 34 1.51 2.11 -3.83
CA VAL A 34 0.75 3.36 -3.70
C VAL A 34 0.62 4.14 -4.98
N PRO A 35 1.73 4.30 -5.73
CA PRO A 35 1.66 5.01 -6.99
C PRO A 35 0.70 4.30 -7.94
N GLU A 36 0.79 2.96 -7.98
CA GLU A 36 -0.11 2.22 -8.89
C GLU A 36 -1.59 2.38 -8.49
N SER A 37 -1.82 2.27 -7.18
CA SER A 37 -3.21 2.33 -6.66
C SER A 37 -3.76 3.73 -6.77
N ASN A 38 -2.92 4.77 -6.69
CA ASN A 38 -3.38 6.14 -6.88
C ASN A 38 -4.06 6.30 -8.24
N VAL A 39 -3.39 5.76 -9.28
CA VAL A 39 -3.96 5.85 -10.63
C VAL A 39 -5.15 4.88 -10.69
N SER A 40 -5.02 3.67 -10.15
CA SER A 40 -6.11 2.66 -10.29
C SER A 40 -7.45 3.12 -9.75
N ARG A 41 -7.46 3.90 -8.67
CA ARG A 41 -8.75 4.36 -8.12
C ARG A 41 -9.50 5.25 -9.06
N ASP A 42 -8.81 6.04 -9.92
CA ASP A 42 -9.48 6.88 -10.87
C ASP A 42 -10.00 6.10 -12.08
N LEU A 43 -9.36 5.00 -12.41
CA LEU A 43 -9.78 4.24 -13.59
C LEU A 43 -10.67 3.03 -13.35
N PHE A 44 -10.46 2.22 -12.33
CA PHE A 44 -11.21 1.02 -12.08
C PHE A 44 -11.96 1.09 -10.74
N GLU A 45 -13.26 0.78 -10.81
CA GLU A 45 -14.05 0.84 -9.55
C GLU A 45 -14.62 -0.52 -9.20
N GLY A 46 -14.36 -0.95 -7.97
CA GLY A 46 -14.82 -2.24 -7.48
C GLY A 46 -16.21 -2.16 -6.81
N LEU A 47 -16.51 -3.17 -6.01
CA LEU A 47 -17.85 -3.26 -5.40
C LEU A 47 -18.12 -2.05 -4.49
N LEU A 48 -17.13 -1.73 -3.66
CA LEU A 48 -17.23 -0.60 -2.73
C LEU A 48 -16.06 0.36 -3.04
N ILE A 49 -16.15 1.60 -2.58
CA ILE A 49 -15.08 2.59 -2.71
C ILE A 49 -14.97 3.31 -1.36
N SER A 50 -13.92 4.03 -1.08
CA SER A 50 -13.88 4.83 0.15
C SER A 50 -14.59 6.13 -0.14
N ASP A 51 -15.33 6.73 0.81
CA ASP A 51 -15.89 8.05 0.55
C ASP A 51 -14.75 9.05 0.78
N VAL A 52 -15.01 10.35 0.80
CA VAL A 52 -13.94 11.33 1.03
C VAL A 52 -13.29 11.28 2.38
N GLU A 53 -13.86 10.63 3.40
CA GLU A 53 -13.25 10.55 4.71
C GLU A 53 -12.69 9.16 4.88
N GLY A 54 -12.78 8.28 3.85
CA GLY A 54 -12.21 6.96 3.97
C GLY A 54 -13.16 5.85 4.32
N HIS A 55 -14.44 6.13 4.60
CA HIS A 55 -15.30 4.99 5.01
C HIS A 55 -15.71 4.18 3.75
N PRO A 56 -15.74 2.87 3.90
CA PRO A 56 -16.15 1.99 2.82
C PRO A 56 -17.56 2.40 2.45
N SER A 57 -17.85 2.54 1.19
CA SER A 57 -19.12 3.09 0.70
C SER A 57 -19.47 2.42 -0.61
N PRO A 58 -20.69 2.62 -1.08
CA PRO A 58 -21.12 1.96 -2.32
C PRO A 58 -20.24 2.32 -3.49
N GLY A 59 -19.80 1.33 -4.27
CA GLY A 59 -19.06 1.63 -5.51
C GLY A 59 -19.97 1.06 -6.60
N VAL A 60 -19.53 0.00 -7.27
CA VAL A 60 -20.42 -0.62 -8.28
C VAL A 60 -21.61 -1.26 -7.56
N ALA A 61 -21.41 -1.80 -6.37
CA ALA A 61 -22.50 -2.36 -5.58
C ALA A 61 -23.23 -1.21 -4.85
N GLU A 62 -24.55 -1.07 -5.08
CA GLU A 62 -25.25 0.00 -4.37
C GLU A 62 -25.67 -0.51 -2.97
N LYS A 63 -25.83 -1.82 -2.80
CA LYS A 63 -26.19 -2.33 -1.49
C LYS A 63 -25.77 -3.80 -1.37
N TRP A 64 -25.59 -4.24 -0.14
CA TRP A 64 -25.13 -5.60 0.09
C TRP A 64 -25.61 -6.15 1.42
N GLU A 65 -25.64 -7.48 1.51
CA GLU A 65 -26.01 -8.16 2.74
C GLU A 65 -25.04 -9.30 2.98
N ASN A 66 -25.00 -9.79 4.21
CA ASN A 66 -24.19 -10.96 4.51
C ASN A 66 -25.04 -11.95 5.32
N LYS A 67 -24.72 -13.20 5.16
CA LYS A 67 -25.31 -14.28 5.93
C LYS A 67 -24.19 -14.91 6.72
N ASP A 68 -24.26 -14.69 8.05
CA ASP A 68 -23.32 -15.17 9.01
C ASP A 68 -21.87 -14.73 8.71
N PHE A 69 -21.70 -13.60 8.00
CA PHE A 69 -20.39 -13.11 7.59
C PHE A 69 -19.66 -14.12 6.71
N LYS A 70 -20.37 -15.03 6.07
CA LYS A 70 -19.75 -16.03 5.22
C LYS A 70 -20.26 -15.94 3.79
N VAL A 71 -21.54 -15.58 3.59
CA VAL A 71 -22.02 -15.44 2.21
C VAL A 71 -22.40 -13.98 2.02
N TRP A 72 -21.66 -13.30 1.13
CA TRP A 72 -21.88 -11.88 0.90
C TRP A 72 -22.56 -11.64 -0.42
N THR A 73 -23.68 -10.94 -0.43
CA THR A 73 -24.44 -10.68 -1.66
C THR A 73 -24.45 -9.23 -2.04
N PHE A 74 -23.89 -8.93 -3.23
CA PHE A 74 -23.74 -7.53 -3.65
C PHE A 74 -24.68 -7.18 -4.79
N HIS A 75 -25.52 -6.18 -4.55
CA HIS A 75 -26.48 -5.70 -5.53
C HIS A 75 -25.89 -4.61 -6.39
N LEU A 76 -25.56 -4.93 -7.65
CA LEU A 76 -24.87 -3.95 -8.48
C LEU A 76 -25.83 -2.95 -9.11
N ARG A 77 -25.43 -1.67 -9.08
CA ARG A 77 -26.32 -0.65 -9.66
C ARG A 77 -26.55 -0.92 -11.13
N GLU A 78 -27.81 -0.73 -11.56
CA GLU A 78 -28.17 -0.99 -12.97
C GLU A 78 -27.47 -0.14 -13.99
N ASN A 79 -27.09 1.09 -13.66
CA ASN A 79 -26.44 1.96 -14.64
C ASN A 79 -24.92 1.99 -14.60
N ALA A 80 -24.25 1.07 -13.92
CA ALA A 80 -22.79 1.03 -13.90
C ALA A 80 -22.32 0.62 -15.30
N LYS A 81 -21.48 1.42 -15.94
CA LYS A 81 -21.00 1.13 -17.28
C LYS A 81 -19.48 1.32 -17.41
N TRP A 82 -18.89 0.62 -18.38
CA TRP A 82 -17.49 0.76 -18.74
C TRP A 82 -17.39 2.00 -19.64
N SER A 83 -16.18 2.47 -19.96
CA SER A 83 -16.01 3.65 -20.81
C SER A 83 -16.42 3.48 -22.26
N ASP A 84 -16.66 2.24 -22.71
CA ASP A 84 -17.11 1.99 -24.06
C ASP A 84 -18.63 1.94 -24.10
N GLY A 85 -19.29 2.26 -23.00
CA GLY A 85 -20.72 2.27 -22.92
C GLY A 85 -21.40 0.97 -22.52
N THR A 86 -20.66 -0.11 -22.41
CA THR A 86 -21.26 -1.41 -22.06
C THR A 86 -21.42 -1.56 -20.56
N PRO A 87 -22.40 -2.33 -20.12
CA PRO A 87 -22.70 -2.50 -18.71
C PRO A 87 -21.63 -3.20 -17.90
N VAL A 88 -21.40 -2.75 -16.68
CA VAL A 88 -20.53 -3.47 -15.74
C VAL A 88 -21.42 -4.54 -15.12
N THR A 89 -21.09 -5.83 -15.16
CA THR A 89 -22.04 -6.82 -14.63
C THR A 89 -21.40 -7.64 -13.54
N ALA A 90 -22.15 -8.52 -12.90
CA ALA A 90 -21.53 -9.44 -11.96
C ALA A 90 -20.60 -10.41 -12.68
N HIS A 91 -20.86 -10.73 -13.95
CA HIS A 91 -19.98 -11.60 -14.73
C HIS A 91 -18.57 -10.98 -14.83
N ASP A 92 -18.48 -9.66 -14.91
CA ASP A 92 -17.17 -9.01 -14.92
C ASP A 92 -16.39 -9.30 -13.66
N PHE A 93 -17.07 -9.21 -12.48
CA PHE A 93 -16.41 -9.50 -11.21
C PHE A 93 -16.05 -10.97 -11.12
N VAL A 94 -16.89 -11.90 -11.60
CA VAL A 94 -16.54 -13.32 -11.59
C VAL A 94 -15.22 -13.55 -12.35
N TYR A 95 -15.18 -13.07 -13.56
CA TYR A 95 -13.97 -13.26 -14.41
C TYR A 95 -12.78 -12.64 -13.69
N SER A 96 -12.97 -11.40 -13.23
CA SER A 96 -11.85 -10.67 -12.62
C SER A 96 -11.26 -11.31 -11.39
N TRP A 97 -12.08 -11.74 -10.42
CA TRP A 97 -11.58 -12.40 -9.25
C TRP A 97 -10.98 -13.76 -9.61
N GLN A 98 -11.51 -14.43 -10.64
CA GLN A 98 -10.85 -15.68 -11.02
C GLN A 98 -9.45 -15.40 -11.60
N ARG A 99 -9.32 -14.36 -12.40
CA ARG A 99 -8.04 -14.00 -13.03
C ARG A 99 -7.03 -13.61 -11.95
N LEU A 100 -7.53 -12.87 -10.93
CA LEU A 100 -6.65 -12.60 -9.79
C LEU A 100 -6.14 -13.84 -9.12
N ALA A 101 -6.97 -14.87 -8.86
CA ALA A 101 -6.62 -16.10 -8.20
C ALA A 101 -5.70 -17.04 -9.01
N ASP A 102 -5.82 -16.96 -10.30
CA ASP A 102 -5.13 -17.85 -11.24
C ASP A 102 -3.63 -17.63 -11.15
N PRO A 103 -2.88 -18.68 -10.83
CA PRO A 103 -1.44 -18.57 -10.73
C PRO A 103 -0.77 -18.15 -12.02
N ASN A 104 -1.35 -18.45 -13.20
CA ASN A 104 -0.77 -17.96 -14.45
C ASN A 104 -0.73 -16.44 -14.52
N THR A 105 -1.62 -15.74 -13.80
CA THR A 105 -1.59 -14.27 -13.77
C THR A 105 -0.42 -13.76 -12.94
N ALA A 106 0.05 -14.54 -11.98
CA ALA A 106 1.16 -14.21 -11.10
C ALA A 106 0.99 -12.85 -10.42
N SER A 107 -0.24 -12.62 -9.91
CA SER A 107 -0.46 -11.31 -9.27
C SER A 107 0.29 -11.27 -7.97
N PRO A 108 0.92 -10.12 -7.67
CA PRO A 108 1.50 -9.95 -6.34
C PRO A 108 0.40 -9.93 -5.27
N TYR A 109 -0.86 -9.68 -5.65
CA TYR A 109 -1.98 -9.65 -4.73
C TYR A 109 -2.89 -10.85 -4.85
N ALA A 110 -2.39 -11.97 -5.41
CA ALA A 110 -3.21 -13.19 -5.42
C ALA A 110 -3.71 -13.55 -4.04
N SER A 111 -2.89 -13.43 -3.00
CA SER A 111 -3.23 -13.72 -1.61
C SER A 111 -4.27 -12.79 -1.01
N TYR A 112 -4.72 -11.73 -1.66
CA TYR A 112 -5.79 -10.87 -1.15
C TYR A 112 -7.06 -11.74 -1.06
N LEU A 113 -7.22 -12.73 -1.97
CA LEU A 113 -8.36 -13.65 -1.85
C LEU A 113 -8.21 -14.64 -0.70
N GLN A 114 -7.00 -14.92 -0.22
CA GLN A 114 -6.79 -15.70 0.98
C GLN A 114 -7.12 -14.80 2.18
N TYR A 115 -6.71 -13.54 2.14
CA TYR A 115 -7.00 -12.63 3.27
C TYR A 115 -8.51 -12.53 3.50
N GLY A 116 -9.30 -12.55 2.41
CA GLY A 116 -10.75 -12.53 2.57
C GLY A 116 -11.34 -13.92 2.78
N HIS A 117 -10.57 -14.98 2.60
CA HIS A 117 -10.96 -16.36 2.75
C HIS A 117 -12.03 -16.83 1.78
N ILE A 118 -11.98 -16.36 0.56
CA ILE A 118 -12.92 -16.78 -0.49
C ILE A 118 -12.74 -18.30 -0.63
N ALA A 119 -13.85 -19.02 -0.70
CA ALA A 119 -13.79 -20.47 -0.79
C ALA A 119 -12.87 -20.94 -1.93
N ASN A 120 -12.15 -22.01 -1.67
CA ASN A 120 -11.25 -22.73 -2.54
C ASN A 120 -9.99 -21.99 -3.01
N ILE A 121 -9.67 -20.84 -2.47
CA ILE A 121 -8.52 -20.07 -2.96
C ILE A 121 -7.19 -20.78 -2.72
N ASP A 122 -6.98 -21.46 -1.60
CA ASP A 122 -5.71 -22.12 -1.32
C ASP A 122 -5.42 -23.15 -2.42
N ASP A 123 -6.37 -24.03 -2.74
CA ASP A 123 -6.14 -24.99 -3.82
C ASP A 123 -5.96 -24.35 -5.19
N ILE A 124 -6.61 -23.24 -5.48
CA ILE A 124 -6.46 -22.56 -6.76
C ILE A 124 -5.04 -22.00 -6.84
N ILE A 125 -4.61 -21.28 -5.78
CA ILE A 125 -3.25 -20.76 -5.83
C ILE A 125 -2.23 -21.88 -6.05
N ALA A 126 -2.44 -23.02 -5.40
CA ALA A 126 -1.51 -24.14 -5.50
C ALA A 126 -1.64 -24.95 -6.78
N GLY A 127 -2.52 -24.60 -7.71
CA GLY A 127 -2.70 -25.30 -8.96
C GLY A 127 -3.44 -26.63 -8.79
N LYS A 128 -4.09 -26.84 -7.66
CA LYS A 128 -4.81 -28.09 -7.41
C LYS A 128 -6.20 -28.04 -8.02
N LYS A 129 -6.82 -26.87 -8.04
CA LYS A 129 -8.14 -26.69 -8.60
C LYS A 129 -8.04 -25.54 -9.59
N PRO A 130 -8.87 -25.54 -10.62
CA PRO A 130 -8.88 -24.47 -11.58
C PRO A 130 -9.48 -23.21 -10.95
N ALA A 131 -9.18 -22.05 -11.53
CA ALA A 131 -9.64 -20.77 -11.03
C ALA A 131 -11.15 -20.65 -11.06
N THR A 132 -11.81 -21.39 -11.96
CA THR A 132 -13.27 -21.40 -12.03
C THR A 132 -13.89 -22.06 -10.84
N ASP A 133 -13.17 -22.68 -9.93
CA ASP A 133 -13.76 -23.22 -8.72
C ASP A 133 -13.81 -22.14 -7.61
N LEU A 134 -13.36 -20.92 -7.89
CA LEU A 134 -13.34 -19.92 -6.79
C LEU A 134 -14.74 -19.66 -6.27
N GLY A 135 -14.90 -19.41 -4.98
CA GLY A 135 -16.27 -19.21 -4.42
C GLY A 135 -16.93 -17.91 -4.75
N VAL A 136 -17.08 -17.57 -6.03
CA VAL A 136 -17.75 -16.38 -6.50
C VAL A 136 -18.75 -16.82 -7.58
N LYS A 137 -19.89 -16.17 -7.63
CA LYS A 137 -20.86 -16.43 -8.69
C LYS A 137 -21.72 -15.24 -9.01
N ALA A 138 -22.14 -15.07 -10.27
CA ALA A 138 -23.07 -14.03 -10.66
C ALA A 138 -24.48 -14.68 -10.57
N LEU A 139 -25.33 -14.22 -9.66
CA LEU A 139 -26.67 -14.86 -9.57
C LEU A 139 -27.52 -14.37 -10.72
N ASP A 140 -27.17 -13.19 -11.24
CA ASP A 140 -27.73 -12.58 -12.41
C ASP A 140 -26.77 -11.47 -12.85
N ASP A 141 -27.11 -10.67 -13.84
CA ASP A 141 -26.17 -9.64 -14.31
C ASP A 141 -25.94 -8.60 -13.22
N HIS A 142 -26.84 -8.43 -12.24
CA HIS A 142 -26.60 -7.31 -11.32
C HIS A 142 -26.44 -7.81 -9.90
N THR A 143 -26.08 -9.08 -9.76
CA THR A 143 -25.93 -9.65 -8.43
C THR A 143 -24.69 -10.52 -8.31
N PHE A 144 -23.72 -10.09 -7.50
CA PHE A 144 -22.49 -10.81 -7.29
C PHE A 144 -22.48 -11.45 -5.92
N GLU A 145 -22.29 -12.76 -5.82
CA GLU A 145 -22.32 -13.48 -4.55
C GLU A 145 -20.97 -14.13 -4.23
N VAL A 146 -20.49 -13.81 -3.01
CA VAL A 146 -19.19 -14.29 -2.60
C VAL A 146 -19.36 -15.25 -1.43
N THR A 147 -18.76 -16.44 -1.54
CA THR A 147 -18.82 -17.41 -0.46
C THR A 147 -17.44 -17.62 0.16
N LEU A 148 -17.31 -17.33 1.43
CA LEU A 148 -16.10 -17.50 2.21
C LEU A 148 -16.06 -18.81 2.95
N SER A 149 -14.88 -19.31 3.31
CA SER A 149 -14.77 -20.57 4.06
C SER A 149 -14.90 -20.40 5.56
N GLU A 150 -15.00 -19.17 6.08
CA GLU A 150 -15.24 -18.96 7.50
C GLU A 150 -15.68 -17.51 7.68
N PRO A 151 -16.36 -17.19 8.76
CA PRO A 151 -16.87 -15.86 8.99
C PRO A 151 -15.75 -14.81 9.03
N VAL A 152 -16.00 -13.76 8.26
CA VAL A 152 -15.09 -12.61 8.21
C VAL A 152 -15.90 -11.33 8.34
N PRO A 153 -16.07 -10.80 9.55
CA PRO A 153 -16.95 -9.68 9.79
C PRO A 153 -16.53 -8.39 9.12
N TYR A 154 -15.21 -8.23 8.92
CA TYR A 154 -14.64 -7.11 8.20
C TYR A 154 -14.44 -7.34 6.72
N PHE A 155 -14.97 -8.43 6.13
CA PHE A 155 -14.74 -8.67 4.71
C PHE A 155 -15.00 -7.53 3.77
N TYR A 156 -16.17 -6.86 3.89
CA TYR A 156 -16.49 -5.75 3.03
C TYR A 156 -15.43 -4.65 3.05
N LYS A 157 -14.70 -4.43 4.14
CA LYS A 157 -13.64 -3.42 4.18
C LYS A 157 -12.52 -3.68 3.18
N LEU A 158 -12.29 -4.94 2.84
CA LEU A 158 -11.26 -5.26 1.85
C LEU A 158 -11.59 -4.79 0.46
N LEU A 159 -12.86 -4.66 0.09
CA LEU A 159 -13.27 -4.47 -1.29
C LEU A 159 -13.02 -3.16 -1.98
N VAL A 160 -12.40 -2.18 -1.31
CA VAL A 160 -12.03 -0.95 -2.01
C VAL A 160 -10.66 -1.12 -2.70
N HIS A 161 -9.91 -2.17 -2.51
CA HIS A 161 -8.54 -2.33 -3.04
C HIS A 161 -8.49 -2.61 -4.53
N PRO A 162 -7.47 -2.16 -5.25
CA PRO A 162 -7.42 -2.31 -6.71
C PRO A 162 -7.45 -3.77 -7.16
N SER A 163 -6.89 -4.68 -6.38
CA SER A 163 -6.85 -6.07 -6.80
C SER A 163 -8.23 -6.69 -6.98
N VAL A 164 -9.27 -6.19 -6.32
CA VAL A 164 -10.63 -6.70 -6.49
C VAL A 164 -11.48 -5.78 -7.36
N SER A 165 -10.84 -4.90 -8.14
CA SER A 165 -11.58 -4.11 -9.17
C SER A 165 -11.79 -4.96 -10.43
N PRO A 166 -12.80 -4.68 -11.23
CA PRO A 166 -13.06 -5.45 -12.43
C PRO A 166 -12.09 -5.04 -13.52
N VAL A 167 -11.80 -6.00 -14.40
CA VAL A 167 -11.02 -5.75 -15.61
C VAL A 167 -11.88 -6.24 -16.78
N PRO A 168 -11.78 -5.61 -17.94
CA PRO A 168 -12.59 -5.98 -19.10
C PRO A 168 -12.03 -7.21 -19.84
N LYS A 169 -12.65 -8.35 -19.74
CA LYS A 169 -12.19 -9.60 -20.36
C LYS A 169 -11.93 -9.48 -21.86
N SER A 170 -12.81 -8.80 -22.59
CA SER A 170 -12.60 -8.71 -24.05
C SER A 170 -11.33 -8.00 -24.40
N ALA A 171 -10.95 -6.92 -23.74
CA ALA A 171 -9.71 -6.21 -24.03
C ALA A 171 -8.50 -7.03 -23.60
N VAL A 172 -8.59 -7.65 -22.43
CA VAL A 172 -7.50 -8.48 -21.92
C VAL A 172 -7.23 -9.62 -22.92
N GLU A 173 -8.28 -10.30 -23.30
CA GLU A 173 -8.15 -11.46 -24.21
C GLU A 173 -7.65 -11.09 -25.58
N LYS A 174 -8.17 -10.01 -26.13
CA LYS A 174 -7.75 -9.58 -27.47
C LYS A 174 -6.35 -8.98 -27.51
N PHE A 175 -5.99 -8.15 -26.52
CA PHE A 175 -4.71 -7.46 -26.53
C PHE A 175 -3.62 -7.94 -25.59
N GLY A 176 -3.87 -8.90 -24.72
CA GLY A 176 -2.80 -9.41 -23.87
C GLY A 176 -2.24 -8.27 -23.02
N ASP A 177 -0.92 -8.22 -22.86
CA ASP A 177 -0.26 -7.21 -22.04
C ASP A 177 -0.32 -5.77 -22.54
N LYS A 178 -0.83 -5.55 -23.76
CA LYS A 178 -1.01 -4.22 -24.28
C LYS A 178 -2.47 -3.80 -24.07
N TRP A 179 -3.27 -4.50 -23.24
CA TRP A 179 -4.67 -4.13 -23.07
C TRP A 179 -4.80 -2.77 -22.40
N THR A 180 -3.79 -2.35 -21.62
CA THR A 180 -3.85 -1.08 -20.91
C THR A 180 -3.33 0.12 -21.68
N GLN A 181 -2.98 -0.08 -22.96
CA GLN A 181 -2.53 1.05 -23.79
C GLN A 181 -3.77 1.89 -24.04
N PRO A 182 -3.62 3.17 -24.28
CA PRO A 182 -4.73 4.09 -24.45
C PRO A 182 -5.63 3.68 -25.60
N ALA A 183 -5.10 3.08 -26.68
CA ALA A 183 -6.01 2.72 -27.79
C ALA A 183 -6.86 1.53 -27.42
N ASN A 184 -6.43 0.70 -26.45
CA ASN A 184 -7.15 -0.50 -26.16
C ASN A 184 -7.94 -0.58 -24.85
N ILE A 185 -7.47 0.14 -23.86
CA ILE A 185 -8.05 -0.01 -22.51
C ILE A 185 -9.49 0.44 -22.46
N VAL A 186 -10.24 -0.19 -21.55
CA VAL A 186 -11.62 0.13 -21.24
C VAL A 186 -11.70 0.24 -19.71
N THR A 187 -12.31 1.30 -19.18
CA THR A 187 -12.30 1.51 -17.73
C THR A 187 -13.69 1.80 -17.18
N ASN A 188 -13.88 1.56 -15.87
CA ASN A 188 -15.22 1.83 -15.33
C ASN A 188 -15.18 2.83 -14.17
N GLY A 189 -14.01 3.47 -13.95
CA GLY A 189 -14.00 4.49 -12.89
C GLY A 189 -14.48 5.84 -13.42
N ALA A 190 -14.23 6.91 -12.63
CA ALA A 190 -14.65 8.23 -13.05
C ALA A 190 -13.86 8.76 -14.24
N TYR A 191 -12.69 8.18 -14.53
CA TYR A 191 -11.81 8.66 -15.59
C TYR A 191 -11.47 7.56 -16.61
N LYS A 192 -10.84 8.02 -17.70
CA LYS A 192 -10.37 7.08 -18.71
C LYS A 192 -8.96 7.51 -19.08
N LEU A 193 -8.20 6.56 -19.61
CA LEU A 193 -6.80 6.92 -19.92
C LEU A 193 -6.71 7.68 -21.22
N LYS A 194 -6.11 8.85 -21.25
CA LYS A 194 -5.90 9.63 -22.45
C LYS A 194 -4.48 9.46 -22.99
N ASN A 195 -3.46 9.60 -22.16
CA ASN A 195 -2.06 9.50 -22.58
C ASN A 195 -1.24 8.76 -21.53
N TRP A 196 -0.24 8.01 -21.96
CA TRP A 196 0.66 7.31 -21.05
C TRP A 196 2.04 7.34 -21.71
N VAL A 197 2.88 8.26 -21.28
CA VAL A 197 4.25 8.42 -21.79
C VAL A 197 5.16 7.97 -20.63
N VAL A 198 5.80 6.82 -20.77
CA VAL A 198 6.63 6.27 -19.70
C VAL A 198 7.71 7.23 -19.26
N ASN A 199 7.85 7.42 -17.96
CA ASN A 199 8.76 8.33 -17.31
C ASN A 199 8.47 9.77 -17.61
N GLU A 200 7.25 10.07 -18.11
CA GLU A 200 6.92 11.46 -18.38
C GLU A 200 5.60 11.82 -17.71
N ARG A 201 4.53 11.19 -18.14
CA ARG A 201 3.24 11.53 -17.53
C ARG A 201 2.19 10.51 -17.88
N ILE A 202 1.18 10.44 -17.01
CA ILE A 202 -0.05 9.70 -17.25
C ILE A 202 -1.16 10.74 -17.27
N VAL A 203 -1.94 10.83 -18.34
CA VAL A 203 -3.02 11.83 -18.33
C VAL A 203 -4.40 11.16 -18.44
N LEU A 204 -5.27 11.49 -17.47
CA LEU A 204 -6.61 10.87 -17.45
C LEU A 204 -7.67 11.90 -17.81
N GLU A 205 -8.75 11.46 -18.47
CA GLU A 205 -9.78 12.44 -18.80
C GLU A 205 -11.11 11.87 -18.26
N ARG A 206 -12.00 12.79 -17.95
CA ARG A 206 -13.29 12.34 -17.41
C ARG A 206 -13.92 11.26 -18.26
N ASN A 207 -14.56 10.29 -17.62
CA ASN A 207 -15.23 9.18 -18.31
C ASN A 207 -16.72 9.51 -18.27
N PRO A 208 -17.34 9.90 -19.36
CA PRO A 208 -18.74 10.27 -19.35
C PRO A 208 -19.70 9.13 -19.12
N GLN A 209 -19.24 7.90 -19.25
CA GLN A 209 -20.14 6.77 -18.98
C GLN A 209 -20.16 6.40 -17.50
N TYR A 210 -19.23 6.94 -16.70
CA TYR A 210 -19.23 6.63 -15.27
C TYR A 210 -20.62 6.89 -14.72
N TRP A 211 -21.17 5.99 -13.94
CA TRP A 211 -22.52 6.14 -13.39
C TRP A 211 -22.70 7.41 -12.55
N ASP A 212 -21.68 7.85 -11.84
CA ASP A 212 -21.77 9.07 -11.03
C ASP A 212 -21.11 10.26 -11.70
N ASN A 213 -20.98 10.29 -13.03
CA ASN A 213 -20.34 11.34 -13.80
C ASN A 213 -20.85 12.73 -13.54
N ALA A 214 -22.17 12.90 -13.27
CA ALA A 214 -22.69 14.24 -12.98
C ALA A 214 -22.05 14.87 -11.78
N LYS A 215 -21.54 14.12 -10.81
CA LYS A 215 -20.86 14.71 -9.65
C LYS A 215 -19.35 14.91 -9.84
N THR A 216 -18.79 14.43 -10.93
CA THR A 216 -17.36 14.61 -11.24
C THR A 216 -17.13 16.06 -11.67
N VAL A 217 -16.11 16.70 -11.11
CA VAL A 217 -15.79 18.08 -11.43
C VAL A 217 -14.49 18.21 -12.22
N ILE A 218 -13.42 17.50 -11.80
CA ILE A 218 -12.15 17.65 -12.53
C ILE A 218 -12.27 16.98 -13.90
N ASN A 219 -11.95 17.68 -14.98
CA ASN A 219 -12.06 17.08 -16.30
C ASN A 219 -10.83 16.31 -16.73
N GLN A 220 -9.64 16.65 -16.24
CA GLN A 220 -8.38 16.03 -16.64
C GLN A 220 -7.43 16.03 -15.44
N VAL A 221 -6.80 14.89 -15.18
CA VAL A 221 -5.80 14.90 -14.10
C VAL A 221 -4.53 14.29 -14.70
N THR A 222 -3.37 14.85 -14.43
CA THR A 222 -2.11 14.27 -14.92
C THR A 222 -1.38 13.70 -13.71
N TYR A 223 -0.82 12.51 -13.84
CA TYR A 223 -0.01 11.95 -12.77
C TYR A 223 1.45 11.95 -13.26
N LEU A 224 2.36 12.50 -12.51
CA LEU A 224 3.77 12.56 -12.85
C LEU A 224 4.54 11.50 -12.07
N PRO A 225 5.67 11.08 -12.59
CA PRO A 225 6.49 10.01 -12.02
C PRO A 225 7.76 10.49 -11.38
N ILE A 226 7.73 11.60 -10.67
CA ILE A 226 8.96 12.21 -10.12
C ILE A 226 9.35 11.61 -8.78
N SER A 227 10.49 10.94 -8.70
CA SER A 227 10.90 10.24 -7.48
C SER A 227 11.73 11.13 -6.57
N SER A 228 12.24 12.24 -7.11
CA SER A 228 12.96 13.21 -6.31
C SER A 228 11.95 14.14 -5.61
N GLU A 229 11.90 14.01 -4.30
CA GLU A 229 10.96 14.83 -3.49
C GLU A 229 11.34 16.31 -3.58
N VAL A 230 12.63 16.64 -3.68
CA VAL A 230 13.06 18.02 -3.92
C VAL A 230 12.46 18.55 -5.20
N THR A 231 12.61 17.80 -6.31
CA THR A 231 12.03 18.20 -7.58
C THR A 231 10.53 18.35 -7.56
N ASP A 232 9.85 17.44 -6.83
CA ASP A 232 8.39 17.55 -6.73
C ASP A 232 8.03 18.88 -6.05
N VAL A 233 8.65 19.19 -4.94
CA VAL A 233 8.42 20.44 -4.24
C VAL A 233 8.75 21.60 -5.16
N ASN A 234 9.87 21.53 -5.87
CA ASN A 234 10.21 22.60 -6.78
C ASN A 234 9.14 22.80 -7.83
N ARG A 235 8.62 21.76 -8.48
CA ARG A 235 7.63 21.96 -9.53
C ARG A 235 6.25 22.28 -8.99
N TYR A 236 6.03 22.05 -7.71
CA TYR A 236 4.80 22.47 -7.04
C TYR A 236 4.98 23.99 -6.80
N ARG A 237 6.12 24.45 -6.29
CA ARG A 237 6.23 25.90 -6.02
C ARG A 237 6.37 26.72 -7.27
N SER A 238 6.75 26.10 -8.37
CA SER A 238 6.86 26.78 -9.66
C SER A 238 5.49 27.05 -10.25
N GLY A 239 4.49 26.26 -9.80
CA GLY A 239 3.12 26.39 -10.29
C GLY A 239 2.72 25.15 -11.11
N GLU A 240 3.65 24.32 -11.55
CA GLU A 240 3.27 23.17 -12.39
C GLU A 240 2.41 22.10 -11.68
N ILE A 241 2.74 21.79 -10.45
CA ILE A 241 2.12 20.69 -9.68
C ILE A 241 1.12 21.24 -8.67
N ASP A 242 -0.08 20.67 -8.63
CA ASP A 242 -1.08 21.10 -7.65
C ASP A 242 -0.99 20.34 -6.34
N MET A 243 -0.64 19.06 -6.38
CA MET A 243 -0.51 18.25 -5.18
C MET A 243 0.77 17.44 -5.25
N THR A 244 1.69 17.56 -4.31
CA THR A 244 2.89 16.74 -4.40
C THR A 244 2.53 15.28 -4.04
N TYR A 245 3.53 14.42 -4.25
CA TYR A 245 3.38 13.04 -3.79
C TYR A 245 3.59 13.15 -2.26
N ASN A 246 3.27 12.13 -1.49
CA ASN A 246 3.40 12.24 -0.04
C ASN A 246 4.60 11.53 0.51
N ASN A 247 5.76 11.98 0.05
CA ASN A 247 7.10 11.65 0.48
C ASN A 247 7.77 13.05 0.52
N MET A 248 8.20 13.55 1.65
CA MET A 248 8.73 14.93 1.67
C MET A 248 10.26 14.95 1.81
N PRO A 249 10.93 15.89 1.17
CA PRO A 249 12.37 15.99 1.18
C PRO A 249 12.96 16.52 2.48
N ILE A 250 14.03 15.88 2.94
CA ILE A 250 14.72 16.33 4.15
C ILE A 250 15.32 17.70 3.90
N GLU A 251 15.83 17.97 2.70
CA GLU A 251 16.40 19.29 2.47
C GLU A 251 15.50 20.49 2.75
N LEU A 252 14.24 20.43 2.34
CA LEU A 252 13.34 21.59 2.37
C LEU A 252 12.18 21.66 3.33
N PHE A 253 11.77 20.55 3.95
CA PHE A 253 10.56 20.51 4.76
C PHE A 253 10.49 21.51 5.90
N GLN A 254 11.59 21.63 6.65
CA GLN A 254 11.53 22.59 7.78
C GLN A 254 11.19 23.96 7.22
N LYS A 255 11.90 24.40 6.17
CA LYS A 255 11.67 25.67 5.49
C LYS A 255 10.21 25.80 5.07
N LEU A 256 9.70 24.75 4.41
CA LEU A 256 8.33 24.71 3.92
C LEU A 256 7.27 24.93 4.99
N LYS A 257 7.42 24.34 6.17
CA LYS A 257 6.41 24.58 7.21
C LYS A 257 6.43 26.04 7.67
N LYS A 258 7.60 26.69 7.56
CA LYS A 258 7.62 28.09 7.99
C LYS A 258 7.24 29.00 6.84
N GLU A 259 7.42 28.55 5.61
CA GLU A 259 7.07 29.40 4.47
C GLU A 259 5.65 29.24 3.99
N ILE A 260 5.05 28.04 3.91
CA ILE A 260 3.67 27.91 3.41
C ILE A 260 2.88 26.96 4.29
N PRO A 261 2.74 27.27 5.57
CA PRO A 261 2.10 26.45 6.58
C PRO A 261 0.76 25.85 6.21
N ASN A 262 -0.10 26.64 5.63
CA ASN A 262 -1.43 26.24 5.19
C ASN A 262 -1.47 25.28 4.00
N GLU A 263 -0.35 25.05 3.35
CA GLU A 263 -0.30 24.14 2.21
C GLU A 263 0.31 22.81 2.62
N VAL A 264 0.96 22.80 3.77
CA VAL A 264 1.64 21.63 4.33
C VAL A 264 0.62 20.80 5.11
N ARG A 265 0.16 19.72 4.46
CA ARG A 265 -0.87 18.87 5.06
C ARG A 265 -0.17 17.73 5.77
N VAL A 266 -0.47 17.54 7.05
CA VAL A 266 0.18 16.52 7.85
C VAL A 266 -0.90 15.77 8.61
N ASP A 267 -1.20 14.54 8.19
CA ASP A 267 -2.30 13.79 8.83
C ASP A 267 -1.88 12.37 9.17
N PRO A 268 -2.68 11.71 10.00
CA PRO A 268 -2.38 10.34 10.39
C PRO A 268 -2.35 9.44 9.15
N TYR A 269 -1.58 8.39 9.22
CA TYR A 269 -1.41 7.50 8.03
C TYR A 269 -1.10 6.12 8.48
N LEU A 270 -1.87 5.12 8.07
CA LEU A 270 -1.59 3.75 8.55
C LEU A 270 -0.51 3.04 7.74
N CYS A 271 0.72 3.54 7.90
CA CYS A 271 1.84 2.94 7.16
C CYS A 271 3.05 2.82 8.06
N THR A 272 3.90 1.84 7.80
CA THR A 272 5.06 1.66 8.65
C THR A 272 6.31 1.65 7.76
N TYR A 273 7.30 2.45 8.14
CA TYR A 273 8.59 2.44 7.44
C TYR A 273 9.52 1.49 8.18
N TYR A 274 10.19 0.57 7.48
CA TYR A 274 11.05 -0.42 8.09
C TYR A 274 12.15 -0.88 7.14
N TYR A 275 13.18 -1.53 7.65
CA TYR A 275 14.17 -2.15 6.78
C TYR A 275 13.77 -3.62 6.74
N GLU A 276 13.39 -4.10 5.55
CA GLU A 276 13.00 -5.47 5.30
C GLU A 276 14.24 -6.35 5.17
N ILE A 277 14.33 -7.36 6.01
CA ILE A 277 15.51 -8.26 5.96
C ILE A 277 15.15 -9.48 5.13
N ASN A 278 16.06 -9.95 4.25
CA ASN A 278 15.73 -11.15 3.46
C ASN A 278 15.96 -12.33 4.39
N ASN A 279 14.89 -12.89 4.97
CA ASN A 279 15.02 -13.87 6.02
C ASN A 279 15.54 -15.23 5.55
N GLN A 280 15.48 -15.50 4.26
CA GLN A 280 15.96 -16.77 3.73
C GLN A 280 17.43 -16.73 3.33
N LYS A 281 18.09 -15.59 3.38
CA LYS A 281 19.49 -15.59 2.95
C LYS A 281 20.49 -15.41 4.07
N ALA A 282 21.44 -16.35 4.15
CA ALA A 282 22.51 -16.22 5.13
C ALA A 282 23.33 -14.99 4.79
N PRO A 283 23.81 -14.28 5.80
CA PRO A 283 23.61 -14.62 7.20
C PRO A 283 22.37 -14.04 7.87
N PHE A 284 21.41 -13.55 7.08
CA PHE A 284 20.21 -12.95 7.65
C PHE A 284 19.23 -14.01 8.11
N ASN A 285 19.55 -15.29 7.97
CA ASN A 285 18.70 -16.37 8.47
C ASN A 285 19.06 -16.67 9.93
N ASP A 286 20.00 -15.93 10.50
CA ASP A 286 20.39 -16.08 11.89
C ASP A 286 19.65 -15.03 12.69
N VAL A 287 18.80 -15.38 13.66
CA VAL A 287 18.09 -14.35 14.43
C VAL A 287 18.96 -13.36 15.16
N ARG A 288 20.18 -13.79 15.58
CA ARG A 288 21.06 -12.88 16.29
C ARG A 288 21.46 -11.70 15.43
N VAL A 289 21.72 -11.96 14.15
CA VAL A 289 22.10 -10.91 13.22
C VAL A 289 20.92 -9.96 13.02
N ARG A 290 19.73 -10.55 12.77
CA ARG A 290 18.57 -9.69 12.53
C ARG A 290 18.29 -8.85 13.76
N THR A 291 18.35 -9.43 14.97
CA THR A 291 18.10 -8.69 16.19
C THR A 291 19.09 -7.58 16.41
N ALA A 292 20.38 -7.81 16.10
CA ALA A 292 21.42 -6.79 16.26
C ALA A 292 21.16 -5.58 15.42
N LEU A 293 20.78 -5.81 14.15
CA LEU A 293 20.41 -4.72 13.25
C LEU A 293 19.19 -3.97 13.76
N LYS A 294 18.20 -4.69 14.29
CA LYS A 294 16.99 -4.03 14.78
C LYS A 294 17.31 -3.17 15.99
N LEU A 295 18.10 -3.74 16.93
CA LEU A 295 18.41 -2.95 18.13
C LEU A 295 19.41 -1.82 17.93
N ALA A 296 20.42 -2.00 17.07
CA ALA A 296 21.43 -0.93 16.92
C ALA A 296 20.95 0.26 16.15
N LEU A 297 19.86 0.13 15.37
CA LEU A 297 19.34 1.31 14.67
C LEU A 297 18.81 2.28 15.73
N ASP A 298 19.16 3.54 15.74
CA ASP A 298 18.69 4.50 16.73
C ASP A 298 17.53 5.28 16.14
N ARG A 299 16.32 4.83 16.50
CA ARG A 299 15.12 5.47 15.96
C ARG A 299 14.95 6.93 16.33
N ASP A 300 15.41 7.30 17.53
CA ASP A 300 15.26 8.71 17.92
C ASP A 300 16.12 9.58 17.02
N ILE A 301 17.34 9.18 16.68
CA ILE A 301 18.14 10.01 15.77
C ILE A 301 17.44 10.11 14.41
N ILE A 302 16.99 8.99 13.87
CA ILE A 302 16.33 9.03 12.56
C ILE A 302 15.06 9.85 12.55
N VAL A 303 14.14 9.46 13.45
CA VAL A 303 12.86 10.14 13.48
C VAL A 303 12.92 11.58 13.89
N ASN A 304 13.64 11.92 14.98
CA ASN A 304 13.67 13.31 15.41
C ASN A 304 14.88 14.10 14.97
N LYS A 305 16.00 13.45 14.68
CA LYS A 305 17.16 14.26 14.26
C LYS A 305 17.26 14.33 12.75
N VAL A 306 17.38 13.20 12.05
CA VAL A 306 17.56 13.31 10.61
C VAL A 306 16.30 13.60 9.83
N LYS A 307 15.11 13.11 10.21
CA LYS A 307 13.94 13.38 9.38
C LYS A 307 13.07 14.48 9.93
N ASN A 308 12.73 14.43 11.20
CA ASN A 308 11.91 15.36 11.91
C ASN A 308 10.69 15.93 11.19
N GLN A 309 9.80 15.05 10.75
CA GLN A 309 8.59 15.46 10.06
C GLN A 309 7.32 15.08 10.81
N GLY A 310 7.44 14.61 12.04
CA GLY A 310 6.31 14.19 12.85
C GLY A 310 6.11 12.67 12.88
N ASP A 311 7.05 11.86 12.39
CA ASP A 311 6.90 10.41 12.44
C ASP A 311 7.14 9.91 13.87
N LEU A 312 6.60 8.74 14.19
CA LEU A 312 6.77 8.19 15.54
C LEU A 312 7.65 6.97 15.48
N PRO A 313 8.63 6.86 16.35
CA PRO A 313 9.53 5.72 16.43
C PRO A 313 8.72 4.44 16.44
N ALA A 314 9.08 3.42 15.66
CA ALA A 314 8.31 2.18 15.58
C ALA A 314 8.92 0.98 16.25
N TYR A 315 8.06 0.12 16.84
CA TYR A 315 8.55 -1.09 17.48
C TYR A 315 7.80 -2.31 17.03
N SER A 316 6.88 -2.13 16.06
CA SER A 316 6.07 -3.20 15.50
C SER A 316 5.88 -3.00 13.98
N TYR A 317 5.20 -3.95 13.36
CA TYR A 317 4.91 -3.84 11.92
C TYR A 317 3.57 -3.13 11.76
N THR A 318 2.53 -3.72 12.37
CA THR A 318 1.23 -3.08 12.37
C THR A 318 1.28 -1.75 13.15
N PRO A 319 0.82 -0.65 12.59
CA PRO A 319 0.81 0.60 13.33
C PRO A 319 -0.11 0.44 14.52
N PRO A 320 0.27 0.98 15.69
CA PRO A 320 -0.51 0.80 16.92
C PRO A 320 -1.85 1.46 16.91
N TYR A 321 -2.11 2.32 15.96
CA TYR A 321 -3.36 3.05 15.84
C TYR A 321 -4.29 2.48 14.79
N THR A 322 -3.91 1.30 14.29
CA THR A 322 -4.82 0.60 13.34
C THR A 322 -6.06 0.22 14.17
N ASP A 323 -7.21 0.29 13.56
CA ASP A 323 -8.45 -0.16 14.26
C ASP A 323 -8.32 -1.61 14.63
N GLY A 324 -8.26 -1.91 15.92
CA GLY A 324 -8.18 -3.28 16.42
C GLY A 324 -6.79 -3.64 16.93
N ALA A 325 -5.84 -2.71 16.86
CA ALA A 325 -4.52 -2.96 17.37
C ALA A 325 -4.48 -2.57 18.87
N LYS A 326 -4.00 -3.47 19.69
CA LYS A 326 -3.83 -3.29 21.12
C LYS A 326 -2.47 -3.92 21.43
N LEU A 327 -1.41 -3.27 20.89
CA LEU A 327 -0.09 -3.88 20.95
C LEU A 327 0.69 -3.69 22.24
N VAL A 328 1.53 -4.67 22.51
CA VAL A 328 2.38 -4.62 23.69
C VAL A 328 3.74 -4.10 23.24
N GLU A 329 4.15 -2.97 23.77
CA GLU A 329 5.46 -2.37 23.46
C GLU A 329 6.53 -3.21 24.10
N PRO A 330 7.46 -3.77 23.32
CA PRO A 330 8.49 -4.63 23.84
C PRO A 330 9.45 -3.91 24.76
N GLU A 331 10.09 -4.64 25.67
CA GLU A 331 11.03 -4.07 26.62
C GLU A 331 12.24 -3.41 25.97
N TRP A 332 12.81 -3.95 24.89
CA TRP A 332 13.91 -3.28 24.20
C TRP A 332 13.59 -1.85 23.77
N PHE A 333 12.34 -1.51 23.44
CA PHE A 333 12.04 -0.15 22.97
C PHE A 333 12.13 0.88 24.10
N LYS A 334 12.00 0.44 25.35
CA LYS A 334 12.07 1.34 26.51
C LYS A 334 13.49 1.58 27.02
N TRP A 335 14.40 0.71 26.69
CA TRP A 335 15.79 0.80 27.05
C TRP A 335 16.45 2.06 26.45
N SER A 336 17.68 2.29 26.92
CA SER A 336 18.46 3.39 26.36
C SER A 336 19.07 2.84 25.07
N GLN A 337 19.53 3.73 24.19
CA GLN A 337 20.16 3.25 22.94
C GLN A 337 21.49 2.57 23.26
N GLN A 338 22.16 3.07 24.31
CA GLN A 338 23.42 2.47 24.76
C GLN A 338 23.21 1.02 25.13
N LYS A 339 22.13 0.78 25.90
CA LYS A 339 21.82 -0.62 26.26
C LYS A 339 21.47 -1.46 25.05
N ARG A 340 20.74 -0.91 24.07
CA ARG A 340 20.48 -1.62 22.82
C ARG A 340 21.82 -1.84 22.07
N ASN A 341 22.71 -0.84 22.02
CA ASN A 341 23.98 -1.11 21.33
C ASN A 341 24.75 -2.29 21.89
N GLU A 342 24.96 -2.37 23.21
CA GLU A 342 25.76 -3.47 23.78
C GLU A 342 25.18 -4.83 23.43
N GLU A 343 23.84 -4.96 23.60
CA GLU A 343 23.17 -6.21 23.27
C GLU A 343 23.38 -6.59 21.80
N ALA A 344 23.27 -5.64 20.89
CA ALA A 344 23.49 -5.88 19.45
C ALA A 344 24.92 -6.32 19.18
N LYS A 345 25.86 -5.54 19.72
CA LYS A 345 27.28 -5.88 19.57
C LYS A 345 27.49 -7.28 20.15
N LYS A 346 26.91 -7.51 21.33
CA LYS A 346 27.00 -8.84 21.95
C LYS A 346 26.49 -9.94 21.04
N LEU A 347 25.32 -9.85 20.40
CA LEU A 347 24.79 -10.89 19.54
C LEU A 347 25.57 -11.09 18.25
N LEU A 348 26.09 -10.00 17.68
CA LEU A 348 26.89 -10.11 16.47
C LEU A 348 28.23 -10.78 16.84
N ALA A 349 28.77 -10.40 18.00
CA ALA A 349 30.01 -11.08 18.43
C ALA A 349 29.69 -12.56 18.59
N GLU A 350 28.52 -12.86 19.19
CA GLU A 350 28.09 -14.24 19.31
C GLU A 350 27.91 -14.91 17.95
N ALA A 351 27.43 -14.21 16.94
CA ALA A 351 27.23 -14.76 15.60
C ALA A 351 28.49 -15.09 14.81
N GLY A 352 29.66 -14.72 15.29
CA GLY A 352 30.91 -15.03 14.64
C GLY A 352 31.56 -13.84 13.97
N PHE A 353 31.00 -12.64 14.15
CA PHE A 353 31.59 -11.48 13.51
C PHE A 353 32.64 -10.79 14.35
N THR A 354 33.68 -10.28 13.70
CA THR A 354 34.81 -9.63 14.35
C THR A 354 35.28 -8.38 13.63
N ALA A 355 36.28 -7.68 14.19
CA ALA A 355 36.84 -6.52 13.49
C ALA A 355 37.46 -6.94 12.16
N ASP A 356 38.13 -8.08 12.11
CA ASP A 356 38.78 -8.56 10.89
C ASP A 356 37.84 -9.26 9.94
N LYS A 357 36.70 -9.75 10.44
CA LYS A 357 35.70 -10.39 9.58
C LYS A 357 34.34 -9.78 9.89
N PRO A 358 34.17 -8.50 9.57
CA PRO A 358 32.96 -7.77 9.93
C PRO A 358 31.76 -8.19 9.11
N LEU A 359 30.61 -7.63 9.46
CA LEU A 359 29.38 -7.94 8.72
C LEU A 359 29.22 -6.85 7.64
N THR A 360 29.21 -7.30 6.39
CA THR A 360 29.06 -6.36 5.27
C THR A 360 27.96 -6.84 4.34
N PHE A 361 27.03 -5.94 3.99
CA PHE A 361 25.91 -6.33 3.15
C PHE A 361 25.29 -5.16 2.40
N ASP A 362 24.38 -5.44 1.47
CA ASP A 362 23.76 -4.38 0.67
C ASP A 362 22.50 -3.80 1.30
N LEU A 363 22.25 -2.54 1.04
CA LEU A 363 21.05 -1.86 1.55
C LEU A 363 20.39 -1.25 0.30
N LEU A 364 19.33 -1.91 -0.10
CA LEU A 364 18.63 -1.57 -1.34
C LEU A 364 17.49 -0.58 -1.11
N TYR A 365 17.39 0.44 -1.93
CA TYR A 365 16.30 1.39 -1.71
C TYR A 365 15.79 1.85 -3.07
N ASN A 366 14.52 2.28 -3.13
CA ASN A 366 14.06 2.77 -4.43
C ASN A 366 14.51 4.21 -4.56
N THR A 367 15.03 4.61 -5.74
CA THR A 367 15.45 5.96 -6.00
C THR A 367 14.61 7.05 -5.40
N SER A 368 15.23 7.88 -4.55
CA SER A 368 14.52 8.87 -3.79
C SER A 368 15.46 9.73 -2.94
N ASP A 369 15.13 11.00 -2.84
CA ASP A 369 15.97 11.87 -2.00
C ASP A 369 15.86 11.41 -0.55
N LEU A 370 14.59 11.30 -0.13
CA LEU A 370 14.30 10.87 1.23
C LEU A 370 14.94 9.53 1.57
N HIS A 371 14.72 8.48 0.77
CA HIS A 371 15.22 7.16 1.14
C HIS A 371 16.75 7.13 1.12
N LYS A 372 17.35 7.88 0.20
CA LYS A 372 18.80 7.89 0.17
C LYS A 372 19.34 8.56 1.45
N LYS A 373 18.81 9.73 1.78
CA LYS A 373 19.27 10.40 3.02
C LYS A 373 19.10 9.56 4.27
N LEU A 374 17.93 8.89 4.43
CA LEU A 374 17.72 7.94 5.51
C LEU A 374 18.64 6.74 5.44
N ALA A 375 18.91 6.19 4.27
CA ALA A 375 19.82 5.04 4.20
C ALA A 375 21.27 5.42 4.55
N ILE A 376 21.70 6.59 4.13
CA ILE A 376 23.06 7.03 4.49
C ILE A 376 23.16 7.16 6.02
N ALA A 377 22.15 7.74 6.65
CA ALA A 377 22.11 7.92 8.11
C ALA A 377 22.09 6.59 8.82
N VAL A 378 21.26 5.67 8.34
CA VAL A 378 21.20 4.32 8.89
C VAL A 378 22.54 3.61 8.71
N ALA A 379 23.15 3.77 7.53
CA ALA A 379 24.49 3.20 7.33
C ALA A 379 25.47 3.73 8.37
N SER A 380 25.49 5.02 8.63
CA SER A 380 26.40 5.65 9.59
C SER A 380 26.16 5.15 11.01
N ILE A 381 24.88 5.12 11.36
CA ILE A 381 24.47 4.65 12.69
C ILE A 381 24.89 3.21 12.90
N TRP A 382 24.63 2.33 11.93
CA TRP A 382 25.00 0.94 12.08
C TRP A 382 26.53 0.74 12.11
N LYS A 383 27.22 1.54 11.30
CA LYS A 383 28.69 1.50 11.34
C LYS A 383 29.16 1.94 12.72
N LYS A 384 28.68 3.07 13.21
CA LYS A 384 29.11 3.60 14.51
C LYS A 384 28.67 2.79 15.71
N ASN A 385 27.45 2.28 15.68
CA ASN A 385 26.89 1.58 16.82
C ASN A 385 27.20 0.10 16.81
N LEU A 386 27.31 -0.50 15.63
CA LEU A 386 27.53 -1.94 15.59
C LEU A 386 28.74 -2.38 14.81
N GLY A 387 29.47 -1.45 14.18
CA GLY A 387 30.62 -1.83 13.36
C GLY A 387 30.28 -2.63 12.12
N VAL A 388 29.09 -2.43 11.55
CA VAL A 388 28.74 -3.16 10.32
C VAL A 388 28.88 -2.24 9.11
N ASN A 389 29.29 -2.78 7.98
CA ASN A 389 29.45 -2.03 6.74
C ASN A 389 28.30 -2.32 5.77
N VAL A 390 27.77 -1.26 5.16
CA VAL A 390 26.67 -1.45 4.21
C VAL A 390 26.98 -0.79 2.88
N ASN A 391 26.58 -1.43 1.78
CA ASN A 391 26.74 -0.85 0.46
C ASN A 391 25.31 -0.54 -0.04
N LEU A 392 25.12 0.75 -0.22
CA LEU A 392 23.86 1.29 -0.65
C LEU A 392 23.68 1.02 -2.15
N GLU A 393 22.45 0.67 -2.50
CA GLU A 393 22.12 0.50 -3.92
C GLU A 393 20.73 1.06 -4.19
N ASN A 394 20.57 1.92 -5.20
CA ASN A 394 19.26 2.44 -5.54
C ASN A 394 18.75 1.68 -6.76
N GLN A 395 17.43 1.50 -6.88
CA GLN A 395 16.82 0.94 -8.07
C GLN A 395 15.50 1.67 -8.33
N GLU A 396 15.09 1.84 -9.59
CA GLU A 396 13.78 2.50 -9.81
C GLU A 396 12.67 1.64 -9.22
N TRP A 397 11.53 2.23 -8.84
CA TRP A 397 10.43 1.54 -8.18
C TRP A 397 10.03 0.18 -8.71
N LYS A 398 9.64 0.11 -9.98
CA LYS A 398 9.23 -1.19 -10.56
C LYS A 398 10.30 -2.26 -10.42
N THR A 399 11.56 -1.94 -10.67
CA THR A 399 12.65 -2.92 -10.55
C THR A 399 12.90 -3.29 -9.10
N PHE A 400 12.86 -2.30 -8.20
CA PHE A 400 12.98 -2.51 -6.77
C PHE A 400 11.96 -3.52 -6.25
N LEU A 401 10.68 -3.38 -6.65
CA LEU A 401 9.70 -4.35 -6.13
C LEU A 401 9.96 -5.75 -6.65
N ASP A 402 10.35 -5.87 -7.93
CA ASP A 402 10.65 -7.20 -8.46
C ASP A 402 11.84 -7.82 -7.73
N THR A 403 12.87 -7.03 -7.46
CA THR A 403 14.03 -7.57 -6.73
C THR A 403 13.61 -8.19 -5.41
N ARG A 404 12.77 -7.48 -4.65
CA ARG A 404 12.30 -7.98 -3.36
C ARG A 404 11.50 -9.26 -3.53
N HIS A 405 10.63 -9.36 -4.53
CA HIS A 405 9.91 -10.60 -4.75
C HIS A 405 10.88 -11.73 -5.13
N GLN A 406 11.89 -11.37 -5.92
CA GLN A 406 12.87 -12.38 -6.34
C GLN A 406 13.73 -12.88 -5.20
N GLY A 407 13.90 -12.05 -4.16
CA GLY A 407 14.78 -12.44 -3.08
C GLY A 407 16.22 -12.15 -3.55
N THR A 408 16.47 -11.21 -4.50
CA THR A 408 17.89 -11.00 -4.88
C THR A 408 18.44 -9.79 -4.12
N PHE A 409 18.40 -9.94 -2.77
CA PHE A 409 18.78 -8.91 -1.85
C PHE A 409 19.13 -9.39 -0.45
N ASP A 410 19.73 -8.45 0.29
CA ASP A 410 20.15 -8.64 1.66
C ASP A 410 19.16 -7.90 2.57
N VAL A 411 19.24 -6.58 2.57
CA VAL A 411 18.33 -5.74 3.36
C VAL A 411 17.77 -4.68 2.40
N ALA A 412 16.47 -4.37 2.49
CA ALA A 412 15.88 -3.36 1.68
C ALA A 412 15.01 -2.40 2.48
N ARG A 413 15.04 -1.14 2.10
CA ARG A 413 14.16 -0.11 2.66
C ARG A 413 12.75 -0.57 2.27
N ALA A 414 11.76 -0.28 3.12
CA ALA A 414 10.42 -0.77 2.81
C ALA A 414 9.36 0.02 3.56
N GLY A 415 8.17 -0.07 2.99
CA GLY A 415 7.04 0.63 3.61
C GLY A 415 5.78 -0.14 3.25
N TRP A 416 4.94 -0.40 4.25
CA TRP A 416 3.65 -1.06 3.97
C TRP A 416 2.55 -0.11 4.47
N CYS A 417 1.54 0.16 3.66
CA CYS A 417 0.38 0.93 4.09
C CYS A 417 -0.84 0.02 4.02
N ALA A 418 -1.72 0.19 5.01
CA ALA A 418 -2.92 -0.64 5.11
C ALA A 418 -3.75 -0.58 3.84
N ASP A 419 -4.40 -1.70 3.50
CA ASP A 419 -5.33 -1.73 2.38
C ASP A 419 -6.78 -1.67 2.94
N TYR A 420 -6.88 -2.16 4.15
CA TYR A 420 -8.17 -2.01 4.89
C TYR A 420 -7.77 -1.70 6.33
N ASN A 421 -8.61 -0.98 7.12
CA ASN A 421 -8.14 -0.66 8.47
C ASN A 421 -8.38 -1.74 9.51
N GLU A 422 -7.52 -2.74 9.59
CA GLU A 422 -7.71 -3.88 10.52
C GLU A 422 -6.33 -4.52 10.55
N PRO A 423 -5.81 -4.98 11.66
CA PRO A 423 -4.47 -5.49 11.79
C PRO A 423 -4.03 -6.58 10.80
N THR A 424 -4.95 -7.37 10.32
CA THR A 424 -4.61 -8.42 9.34
C THR A 424 -4.17 -7.80 8.01
N SER A 425 -4.53 -6.57 7.68
CA SER A 425 -4.04 -5.94 6.44
C SER A 425 -2.51 -5.83 6.48
N PHE A 426 -1.92 -5.76 7.68
CA PHE A 426 -0.49 -5.85 7.84
C PHE A 426 -0.07 -7.31 8.04
N LEU A 427 -0.66 -7.98 9.05
CA LEU A 427 -0.20 -9.28 9.49
C LEU A 427 -0.28 -10.41 8.46
N ASN A 428 -1.25 -10.33 7.57
CA ASN A 428 -1.38 -11.40 6.56
C ASN A 428 -0.22 -11.40 5.58
N THR A 429 0.48 -10.27 5.45
CA THR A 429 1.63 -10.19 4.53
C THR A 429 2.85 -10.94 5.05
N MET A 430 2.87 -11.33 6.32
CA MET A 430 3.98 -12.12 6.87
C MET A 430 3.64 -13.61 6.99
N LEU A 431 2.48 -14.04 6.50
CA LEU A 431 2.15 -15.46 6.43
C LEU A 431 3.12 -16.15 5.46
N SER A 432 3.55 -17.36 5.78
CA SER A 432 4.50 -18.13 5.00
C SER A 432 4.25 -18.12 3.51
N ASP A 433 3.01 -18.35 3.12
CA ASP A 433 2.61 -18.41 1.72
C ASP A 433 2.04 -17.12 1.16
N SER A 434 2.20 -15.96 1.81
CA SER A 434 1.59 -14.78 1.22
C SER A 434 2.33 -14.31 -0.03
N SER A 435 1.59 -13.95 -1.05
CA SER A 435 2.16 -13.36 -2.26
C SER A 435 2.78 -12.01 -1.97
N ASN A 436 2.46 -11.29 -0.87
CA ASN A 436 3.05 -10.03 -0.49
C ASN A 436 4.23 -10.24 0.46
N ASN A 437 4.62 -11.49 0.74
CA ASN A 437 5.69 -11.68 1.71
C ASN A 437 7.07 -11.53 1.05
N THR A 438 7.56 -10.28 1.08
CA THR A 438 8.89 -10.00 0.49
C THR A 438 9.95 -10.10 1.56
N ALA A 439 9.53 -10.35 2.82
CA ALA A 439 10.55 -10.53 3.85
C ALA A 439 11.04 -11.98 3.71
N HIS A 440 10.28 -12.82 3.05
CA HIS A 440 10.55 -14.22 2.84
C HIS A 440 10.65 -14.92 4.21
N TYR A 441 9.75 -14.49 5.09
CA TYR A 441 9.62 -14.94 6.46
C TYR A 441 8.59 -16.07 6.51
N LYS A 442 9.02 -17.17 7.15
CA LYS A 442 8.16 -18.35 7.25
C LYS A 442 8.21 -18.87 8.68
N SER A 443 7.12 -18.63 9.41
CA SER A 443 6.97 -19.07 10.78
C SER A 443 5.65 -19.77 11.00
N PRO A 444 5.69 -21.08 11.25
CA PRO A 444 4.49 -21.85 11.56
C PRO A 444 3.82 -21.32 12.81
N ALA A 445 4.57 -20.85 13.80
CA ALA A 445 3.94 -20.26 15.00
C ALA A 445 3.14 -19.01 14.63
N PHE A 446 3.79 -18.13 13.84
CA PHE A 446 3.09 -16.91 13.41
C PHE A 446 1.88 -17.25 12.59
N ASP A 447 1.96 -18.16 11.62
CA ASP A 447 0.84 -18.53 10.79
C ASP A 447 -0.35 -19.06 11.62
N LYS A 448 -0.01 -19.89 12.62
CA LYS A 448 -1.06 -20.44 13.49
C LYS A 448 -1.81 -19.34 14.23
N LEU A 449 -1.11 -18.40 14.84
CA LEU A 449 -1.77 -17.29 15.55
C LEU A 449 -2.76 -16.57 14.66
N ILE A 450 -2.39 -16.25 13.42
CA ILE A 450 -3.34 -15.54 12.56
C ILE A 450 -4.50 -16.44 12.15
N ALA A 451 -4.25 -17.72 11.90
CA ALA A 451 -5.28 -18.66 11.49
C ALA A 451 -6.35 -18.73 12.59
N ASP A 452 -5.88 -18.66 13.84
CA ASP A 452 -6.71 -18.65 15.02
C ASP A 452 -7.60 -17.44 15.16
N THR A 453 -7.29 -16.29 14.58
CA THR A 453 -8.11 -15.11 14.69
C THR A 453 -9.52 -15.22 14.11
N LEU A 454 -9.80 -16.07 13.12
CA LEU A 454 -11.16 -16.14 12.61
C LEU A 454 -11.87 -17.38 13.16
N LYS A 455 -11.21 -18.11 14.05
CA LYS A 455 -11.75 -19.27 14.71
C LYS A 455 -12.37 -18.94 16.06
N VAL A 456 -12.26 -17.69 16.46
CA VAL A 456 -12.90 -17.13 17.65
C VAL A 456 -13.93 -16.15 17.06
N ALA A 457 -14.93 -15.74 17.79
CA ALA A 457 -15.92 -14.77 17.31
C ALA A 457 -15.96 -13.65 18.36
N ASP A 458 -14.76 -13.33 18.82
CA ASP A 458 -14.62 -12.33 19.90
C ASP A 458 -13.53 -11.35 19.53
N ASP A 459 -13.84 -10.05 19.57
CA ASP A 459 -12.89 -9.00 19.22
C ASP A 459 -11.70 -8.93 20.18
N THR A 460 -11.89 -9.17 21.47
CA THR A 460 -10.77 -9.11 22.41
C THR A 460 -9.82 -10.27 22.21
N GLN A 461 -10.41 -11.44 21.93
CA GLN A 461 -9.53 -12.59 21.69
C GLN A 461 -8.76 -12.30 20.39
N ARG A 462 -9.46 -11.75 19.41
CA ARG A 462 -8.80 -11.41 18.14
C ARG A 462 -7.67 -10.41 18.37
N SER A 463 -7.94 -9.33 19.12
CA SER A 463 -6.90 -8.35 19.40
C SER A 463 -5.70 -8.90 20.14
N GLU A 464 -5.96 -9.80 21.10
CA GLU A 464 -4.89 -10.42 21.87
C GLU A 464 -4.01 -11.29 20.98
N LEU A 465 -4.64 -11.97 20.05
CA LEU A 465 -3.93 -12.79 19.05
C LEU A 465 -3.10 -11.90 18.10
N TYR A 466 -3.63 -10.76 17.66
CA TYR A 466 -2.79 -9.88 16.81
C TYR A 466 -1.58 -9.41 17.61
N ALA A 467 -1.82 -9.04 18.90
CA ALA A 467 -0.71 -8.64 19.75
C ALA A 467 0.35 -9.74 19.85
N LYS A 468 -0.06 -10.98 20.06
CA LYS A 468 0.88 -12.11 20.16
C LYS A 468 1.59 -12.38 18.82
N ALA A 469 0.91 -12.13 17.72
CA ALA A 469 1.49 -12.28 16.39
C ALA A 469 2.59 -11.24 16.21
N GLU A 470 2.37 -10.01 16.67
CA GLU A 470 3.40 -8.98 16.63
C GLU A 470 4.58 -9.37 17.49
N GLN A 471 4.29 -9.96 18.66
CA GLN A 471 5.35 -10.43 19.54
C GLN A 471 6.12 -11.56 18.86
N GLN A 472 5.45 -12.48 18.17
CA GLN A 472 6.21 -13.54 17.49
C GLN A 472 7.12 -12.92 16.43
N LEU A 473 6.58 -12.00 15.65
CA LEU A 473 7.42 -11.31 14.63
C LEU A 473 8.61 -10.62 15.25
N ASP A 474 8.46 -9.92 16.38
CA ASP A 474 9.50 -9.20 17.07
C ASP A 474 10.57 -10.12 17.64
N LYS A 475 10.11 -11.18 18.26
CA LYS A 475 10.92 -12.25 18.82
C LYS A 475 11.83 -12.81 17.74
N ASP A 476 11.30 -12.99 16.53
CA ASP A 476 12.14 -13.48 15.44
C ASP A 476 12.89 -12.37 14.72
N SER A 477 12.64 -11.11 15.04
CA SER A 477 13.25 -10.00 14.34
C SER A 477 13.11 -10.20 12.84
N ALA A 478 11.88 -10.40 12.36
CA ALA A 478 11.68 -10.58 10.92
C ALA A 478 12.09 -9.29 10.21
N ILE A 479 11.78 -8.14 10.81
CA ILE A 479 12.06 -6.86 10.19
C ILE A 479 12.73 -5.90 11.16
N VAL A 480 13.09 -4.73 10.65
CA VAL A 480 13.61 -3.66 11.47
C VAL A 480 12.63 -2.50 11.39
N PRO A 481 11.69 -2.39 12.33
CA PRO A 481 10.76 -1.27 12.36
C PRO A 481 11.50 0.04 12.53
N VAL A 482 11.14 1.07 11.77
CA VAL A 482 11.81 2.35 11.90
C VAL A 482 10.85 3.39 12.45
N TYR A 483 9.78 3.72 11.73
CA TYR A 483 8.82 4.69 12.25
C TYR A 483 7.45 4.46 11.65
N TYR A 484 6.40 4.97 12.27
CA TYR A 484 5.05 4.99 11.68
C TYR A 484 4.97 6.29 10.92
N TYR A 485 4.48 6.24 9.66
CA TYR A 485 4.47 7.44 8.88
C TYR A 485 3.32 8.39 9.31
N VAL A 486 3.57 9.66 8.98
CA VAL A 486 2.50 10.62 8.94
C VAL A 486 2.32 10.85 7.43
N ASN A 487 1.15 11.26 7.02
CA ASN A 487 0.87 11.59 5.62
C ASN A 487 1.11 13.08 5.37
N ALA A 488 2.32 13.44 5.01
CA ALA A 488 2.77 14.79 4.76
C ALA A 488 2.95 15.11 3.28
N ARG A 489 2.28 16.13 2.77
CA ARG A 489 2.38 16.51 1.37
C ARG A 489 1.97 17.97 1.21
N LEU A 490 2.23 18.54 0.05
CA LEU A 490 1.76 19.92 -0.18
C LEU A 490 0.56 19.88 -1.09
N VAL A 491 -0.42 20.73 -0.82
CA VAL A 491 -1.67 20.81 -1.59
C VAL A 491 -2.03 22.27 -1.78
N LYS A 492 -2.18 22.73 -3.02
CA LYS A 492 -2.43 24.16 -3.29
C LYS A 492 -3.72 24.57 -2.63
N PRO A 493 -3.82 25.85 -2.24
CA PRO A 493 -5.00 26.36 -1.56
C PRO A 493 -6.26 26.22 -2.40
N TRP A 494 -6.14 26.18 -3.72
CA TRP A 494 -7.28 26.10 -4.62
C TRP A 494 -7.74 24.67 -4.85
N VAL A 495 -7.08 23.67 -4.28
CA VAL A 495 -7.56 22.29 -4.47
C VAL A 495 -8.59 21.97 -3.37
N GLY A 496 -9.86 21.86 -3.70
CA GLY A 496 -10.87 21.54 -2.67
C GLY A 496 -11.15 20.05 -2.64
N GLY A 497 -11.65 19.55 -1.51
CA GLY A 497 -12.11 18.16 -1.42
C GLY A 497 -11.18 17.18 -0.75
N TYR A 498 -9.94 17.57 -0.44
CA TYR A 498 -8.99 16.70 0.22
C TYR A 498 -9.00 17.03 1.72
N THR A 499 -9.66 16.21 2.51
CA THR A 499 -9.79 16.40 3.94
C THR A 499 -8.52 16.06 4.71
N GLY A 500 -7.91 14.94 4.31
CA GLY A 500 -6.74 14.40 5.02
C GLY A 500 -7.29 13.50 6.16
N LYS A 501 -8.60 13.28 6.15
CA LYS A 501 -9.24 12.49 7.21
C LYS A 501 -9.11 10.99 7.05
N ASP A 502 -8.84 10.50 5.84
CA ASP A 502 -8.69 9.07 5.60
C ASP A 502 -7.30 8.62 5.94
N PRO A 503 -7.12 7.76 6.94
CA PRO A 503 -5.80 7.28 7.31
C PRO A 503 -5.21 6.33 6.26
N LEU A 504 -6.01 5.88 5.31
CA LEU A 504 -5.51 5.07 4.22
C LEU A 504 -5.15 5.91 2.98
N ASP A 505 -5.54 7.16 2.95
CA ASP A 505 -5.28 8.10 1.86
C ASP A 505 -5.74 7.56 0.51
N ASN A 506 -6.97 7.08 0.50
CA ASN A 506 -7.62 6.49 -0.69
C ASN A 506 -8.29 7.64 -1.43
N ILE A 507 -7.49 8.50 -2.06
CA ILE A 507 -8.05 9.66 -2.79
C ILE A 507 -8.62 9.28 -4.13
N TYR A 508 -9.75 9.90 -4.45
CA TYR A 508 -10.40 9.79 -5.74
C TYR A 508 -10.42 11.18 -6.34
N VAL A 509 -9.83 11.36 -7.54
CA VAL A 509 -9.91 12.68 -8.17
C VAL A 509 -11.34 13.10 -8.46
N LYS A 510 -12.31 12.16 -8.57
CA LYS A 510 -13.70 12.52 -8.78
C LYS A 510 -14.29 13.33 -7.62
N ASN A 511 -13.66 13.32 -6.46
CA ASN A 511 -14.09 14.04 -5.29
C ASN A 511 -13.46 15.40 -5.12
N LEU A 512 -12.52 15.79 -5.98
CA LEU A 512 -11.85 17.06 -5.83
C LEU A 512 -12.45 18.12 -6.78
N TYR A 513 -12.05 19.37 -6.53
CA TYR A 513 -12.50 20.48 -7.38
C TYR A 513 -11.50 21.63 -7.30
N ILE A 514 -11.44 22.46 -8.35
CA ILE A 514 -10.49 23.57 -8.35
C ILE A 514 -11.27 24.88 -8.12
N ILE A 515 -10.89 25.54 -7.04
CA ILE A 515 -11.50 26.81 -6.64
C ILE A 515 -10.93 27.94 -7.48
N LYS A 516 -11.72 28.89 -7.92
CA LYS A 516 -11.21 30.01 -8.71
C LYS A 516 -10.04 30.70 -8.02
N HIS A 517 -8.97 30.92 -8.75
CA HIS A 517 -7.85 31.61 -8.11
C HIS A 517 -7.08 32.43 -9.13
N LYS B 1 -0.56 -2.21 0.81
CA LYS B 1 0.12 -1.76 -0.46
C LYS B 1 1.52 -1.27 -0.14
N DAB B 2 2.44 -1.43 -1.10
CA DAB B 2 3.84 -1.03 -0.91
C DAB B 2 4.06 0.44 -1.15
O DAB B 2 3.50 1.03 -2.07
CB DAB B 2 4.70 -1.76 -1.97
CG DAB B 2 4.78 -3.23 -1.52
ND DAB B 2 5.73 -3.55 -0.51
ND DAB B 2 5.76 -3.99 -2.28
N LYS B 3 4.83 1.05 -0.24
CA LYS B 3 5.10 2.47 -0.38
C LYS B 3 6.62 2.69 -0.35
U U1 C . -14.18 0.09 13.77
U U1 D . -18.85 -4.51 13.80
U U1 E . -18.12 -8.00 15.93
U U1 F . 19.50 16.02 -2.70
U U1 G . 25.24 -8.84 -0.88
U U1 H . -5.73 33.62 -12.07
U U1 I . -6.62 32.23 -15.87
U U1 J . -11.77 32.02 -18.27
#